data_3U3K
#
_entry.id   3U3K
#
_cell.length_a   72.176
_cell.length_b   81.273
_cell.length_c   121.760
_cell.angle_alpha   90.000
_cell.angle_beta   90.000
_cell.angle_gamma   90.000
#
_symmetry.space_group_name_H-M   'P 21 21 21'
#
loop_
_entity.id
_entity.type
_entity.pdbx_description
1 polymer 'Sulfotransferase 1A1'
2 non-polymer "ADENOSINE-3'-5'-DIPHOSPHATE"
3 non-polymer naphthalen-2-ol
4 water water
#
_entity_poly.entity_id   1
_entity_poly.type   'polypeptide(L)'
_entity_poly.pdbx_seq_one_letter_code
;MGSSHHHHHHSSGLVPRGSHMELIQDTSRPPLEYVKGVPLIKYFAEALGPLQSFQARPDDLLISTYPKSGTTWVSQILDM
IYQGGDLEKCHRAPIFMRVPFLEFKAPGIPSGMETLKDTPAPRLLKTHLPLALLPQTLLDQKVKVVYVARNAKDVAVSYY
HFYHMAKVHPEPGTWDSFLEKFMVGEVSYGSWYQHVQEWWELSRTHPVLYLFYEDMKENPKREIQKILEFVGHSLPEETV
DFMVQHTSFKEMKKNPMTNYTTVPQEFMDHSISPFMRKGMAGDWKTTFTVAQNERFDADYAEKMAGCSLSFRSEL
;
_entity_poly.pdbx_strand_id   A,B
#
loop_
_chem_comp.id
_chem_comp.type
_chem_comp.name
_chem_comp.formula
03V non-polymer naphthalen-2-ol 'C10 H8 O'
A3P RNA linking ADENOSINE-3'-5'-DIPHOSPHATE 'C10 H15 N5 O10 P2'
#
# COMPACT_ATOMS: atom_id res chain seq x y z
N THR A 27 13.43 12.91 37.82
CA THR A 27 14.88 12.94 37.54
C THR A 27 15.48 11.55 37.70
N SER A 28 14.82 10.72 38.49
CA SER A 28 15.26 9.34 38.75
C SER A 28 14.22 8.39 38.18
N ARG A 29 14.46 7.83 37.00
CA ARG A 29 13.36 7.18 36.27
C ARG A 29 12.15 8.10 36.30
N PRO A 30 12.25 9.22 35.58
CA PRO A 30 11.16 10.17 35.45
C PRO A 30 10.00 9.59 34.68
N PRO A 31 8.86 10.22 34.81
CA PRO A 31 7.77 9.71 34.01
C PRO A 31 7.87 10.17 32.55
N LEU A 32 7.15 9.44 31.71
CA LEU A 32 7.00 9.78 30.31
C LEU A 32 6.36 11.15 30.11
N GLU A 33 6.63 11.75 28.96
CA GLU A 33 5.98 12.96 28.60
C GLU A 33 5.27 12.81 27.27
N TYR A 34 4.01 13.16 27.27
CA TYR A 34 3.17 13.03 26.08
C TYR A 34 3.42 14.22 25.11
N VAL A 35 3.56 13.93 23.81
CA VAL A 35 3.69 15.03 22.85
C VAL A 35 2.89 14.69 21.63
N LYS A 36 1.86 15.45 21.30
CA LYS A 36 0.95 15.09 20.19
C LYS A 36 0.50 13.62 20.27
N GLY A 37 0.12 13.19 21.46
CA GLY A 37 -0.47 11.86 21.61
C GLY A 37 0.55 10.75 21.81
N VAL A 38 1.86 11.07 21.72
CA VAL A 38 2.97 10.11 21.91
C VAL A 38 3.69 10.24 23.28
N PRO A 39 3.61 9.18 24.08
CA PRO A 39 4.41 9.17 25.30
C PRO A 39 5.88 9.07 24.98
N LEU A 40 6.71 9.97 25.51
CA LEU A 40 8.14 9.95 25.26
C LEU A 40 8.97 10.05 26.54
N ILE A 41 10.15 9.49 26.47
CA ILE A 41 11.16 9.75 27.44
C ILE A 41 11.33 11.28 27.33
N LYS A 42 11.27 11.96 28.47
CA LYS A 42 11.34 13.43 28.52
C LYS A 42 12.55 14.02 27.80
N TYR A 43 13.71 13.41 27.94
CA TYR A 43 14.92 13.85 27.24
C TYR A 43 14.69 13.79 25.72
N PHE A 44 13.97 12.80 25.23
CA PHE A 44 13.72 12.72 23.80
C PHE A 44 12.74 13.79 23.34
N ALA A 45 11.68 13.99 24.10
CA ALA A 45 10.79 15.15 23.87
C ALA A 45 11.55 16.48 23.80
N GLU A 46 12.50 16.72 24.70
CA GLU A 46 13.26 17.97 24.70
C GLU A 46 14.02 18.04 23.41
N ALA A 47 14.49 16.85 23.04
CA ALA A 47 15.28 16.67 21.83
C ALA A 47 14.54 17.10 20.58
N LEU A 48 13.20 17.13 20.59
CA LEU A 48 12.46 17.49 19.37
C LEU A 48 12.63 18.95 19.00
N GLY A 49 13.04 19.81 19.95
CA GLY A 49 13.19 21.23 19.69
C GLY A 49 14.27 21.41 18.62
N PRO A 50 15.53 21.07 18.96
CA PRO A 50 16.64 21.19 18.00
C PRO A 50 16.44 20.33 16.74
N LEU A 51 15.73 19.22 16.86
CA LEU A 51 15.36 18.41 15.66
C LEU A 51 14.40 19.15 14.72
N GLN A 52 13.77 20.21 15.20
CA GLN A 52 13.01 21.06 14.26
C GLN A 52 13.94 21.60 13.14
N SER A 53 15.22 21.82 13.45
CA SER A 53 16.17 22.46 12.55
C SER A 53 16.87 21.47 11.57
N PHE A 54 16.50 20.20 11.64
CA PHE A 54 17.08 19.14 10.83
C PHE A 54 16.63 19.17 9.40
N GLN A 55 17.62 19.06 8.50
CA GLN A 55 17.36 19.06 7.09
C GLN A 55 17.84 17.78 6.45
N ALA A 56 16.90 17.01 5.96
CA ALA A 56 17.19 15.79 5.27
C ALA A 56 17.80 16.07 3.89
N ARG A 57 18.71 15.17 3.48
CA ARG A 57 19.29 15.15 2.15
C ARG A 57 18.58 14.09 1.34
N PRO A 58 18.67 14.16 0.02
CA PRO A 58 18.06 13.11 -0.82
C PRO A 58 18.76 11.75 -0.75
N ASP A 59 20.01 11.76 -0.26
CA ASP A 59 20.80 10.51 -0.21
C ASP A 59 20.85 9.93 1.20
N ASP A 60 20.15 10.56 2.13
CA ASP A 60 19.93 9.98 3.44
C ASP A 60 19.24 8.65 3.38
N LEU A 61 19.38 7.89 4.46
CA LEU A 61 18.54 6.72 4.65
C LEU A 61 18.11 6.57 6.07
N LEU A 62 16.81 6.43 6.28
CA LEU A 62 16.27 6.30 7.64
C LEU A 62 15.96 4.86 8.00
N ILE A 63 16.55 4.42 9.09
CA ILE A 63 16.19 3.19 9.72
C ILE A 63 15.06 3.51 10.66
N SER A 64 13.88 2.93 10.45
CA SER A 64 12.72 3.22 11.30
C SER A 64 12.20 1.92 11.95
N THR A 65 11.98 1.95 13.27
CA THR A 65 11.45 0.78 13.96
C THR A 65 10.69 1.19 15.23
N TYR A 66 9.74 0.35 15.66
CA TYR A 66 9.27 0.42 17.03
C TYR A 66 10.43 -0.18 17.85
N PRO A 67 10.71 0.35 19.03
CA PRO A 67 11.82 -0.21 19.79
C PRO A 67 11.77 -1.71 19.94
N LYS A 68 12.98 -2.28 20.02
CA LYS A 68 13.26 -3.67 20.27
C LYS A 68 12.90 -4.53 19.10
N SER A 69 12.88 -3.93 17.90
CA SER A 69 12.44 -4.68 16.74
C SER A 69 13.57 -5.11 15.83
N GLY A 70 14.79 -4.78 16.20
CA GLY A 70 15.95 -5.09 15.34
C GLY A 70 16.69 -3.87 14.83
N THR A 71 16.54 -2.73 15.52
CA THR A 71 17.14 -1.47 15.07
C THR A 71 18.63 -1.61 14.93
N THR A 72 19.24 -2.18 15.95
CA THR A 72 20.69 -2.23 16.00
C THR A 72 21.17 -3.23 14.95
N TRP A 73 20.48 -4.35 14.86
CA TRP A 73 20.82 -5.34 13.86
C TRP A 73 20.84 -4.83 12.41
N VAL A 74 19.79 -4.15 11.93
CA VAL A 74 19.87 -3.61 10.55
C VAL A 74 20.84 -2.45 10.41
N SER A 75 21.03 -1.71 11.48
CA SER A 75 21.97 -0.61 11.51
C SER A 75 23.36 -1.14 11.19
N GLN A 76 23.72 -2.26 11.80
CA GLN A 76 25.01 -2.88 11.54
C GLN A 76 25.01 -3.53 10.16
N ILE A 77 23.93 -4.17 9.75
CA ILE A 77 23.93 -4.59 8.34
C ILE A 77 24.16 -3.34 7.45
N LEU A 78 23.39 -2.27 7.64
CA LEU A 78 23.51 -1.13 6.70
C LEU A 78 24.83 -0.41 6.76
N ASP A 79 25.49 -0.42 7.89
CA ASP A 79 26.80 0.17 7.87
C ASP A 79 27.81 -0.70 7.07
N MET A 80 27.78 -2.00 7.27
CA MET A 80 28.67 -2.87 6.58
C MET A 80 28.46 -2.71 5.06
N ILE A 81 27.23 -2.49 4.61
CA ILE A 81 26.96 -2.30 3.21
C ILE A 81 27.61 -1.00 2.80
N TYR A 82 27.38 0.02 3.62
CA TYR A 82 27.92 1.34 3.30
C TYR A 82 29.49 1.39 3.36
N GLN A 83 30.14 0.50 4.11
CA GLN A 83 31.62 0.50 4.10
C GLN A 83 32.17 -0.62 3.23
N GLY A 84 31.38 -1.06 2.24
CA GLY A 84 31.79 -2.12 1.32
C GLY A 84 32.28 -3.43 1.98
N GLY A 85 31.72 -3.78 3.14
CA GLY A 85 32.05 -5.02 3.84
C GLY A 85 33.22 -4.88 4.80
N ASP A 86 33.75 -3.68 4.90
CA ASP A 86 35.01 -3.45 5.59
C ASP A 86 34.78 -3.40 7.09
N LEU A 87 34.89 -4.57 7.74
CA LEU A 87 34.75 -4.69 9.20
C LEU A 87 35.53 -3.66 10.00
N GLU A 88 36.70 -3.28 9.50
CA GLU A 88 37.62 -2.44 10.29
C GLU A 88 37.08 -1.00 10.40
N LYS A 89 36.38 -0.57 9.35
CA LYS A 89 35.79 0.77 9.36
C LYS A 89 34.56 0.72 10.25
N CYS A 90 33.80 -0.35 10.17
CA CYS A 90 32.63 -0.54 11.06
C CYS A 90 33.01 -0.41 12.54
N HIS A 91 34.30 -0.51 12.83
CA HIS A 91 34.82 -0.43 14.18
C HIS A 91 35.33 0.96 14.49
N ARG A 92 35.06 1.92 13.63
CA ARG A 92 35.56 3.26 13.86
C ARG A 92 34.93 3.88 15.12
N ALA A 93 33.67 3.55 15.36
CA ALA A 93 32.96 3.98 16.56
C ALA A 93 31.76 3.08 16.89
N PRO A 94 31.18 3.29 18.08
CA PRO A 94 29.95 2.56 18.41
C PRO A 94 28.80 2.80 17.39
N ILE A 95 27.86 1.85 17.32
CA ILE A 95 26.76 1.93 16.33
C ILE A 95 25.98 3.24 16.49
N PHE A 96 25.85 3.75 17.72
CA PHE A 96 25.04 4.93 17.95
C PHE A 96 25.75 6.22 17.49
N MET A 97 27.04 6.16 17.16
CA MET A 97 27.72 7.34 16.58
C MET A 97 27.82 7.19 15.08
N ARG A 98 27.89 5.96 14.61
CA ARG A 98 27.94 5.77 13.17
C ARG A 98 26.58 6.07 12.53
N VAL A 99 25.53 5.97 13.35
CA VAL A 99 24.14 6.07 12.90
C VAL A 99 23.34 7.01 13.80
N PRO A 100 23.38 8.30 13.51
CA PRO A 100 22.73 9.22 14.42
C PRO A 100 21.30 8.85 14.71
N PHE A 101 20.99 8.74 15.99
CA PHE A 101 19.61 8.49 16.51
C PHE A 101 18.85 9.83 16.65
N LEU A 102 17.95 10.13 15.70
CA LEU A 102 17.45 11.52 15.51
C LEU A 102 16.93 12.21 16.79
N GLU A 103 15.98 11.54 17.44
CA GLU A 103 15.33 12.12 18.62
C GLU A 103 16.11 11.93 19.93
N PHE A 104 17.35 11.44 19.86
CA PHE A 104 18.04 10.98 21.08
C PHE A 104 18.64 12.13 21.90
N LYS A 105 18.60 11.99 23.23
CA LYS A 105 19.21 12.93 24.20
C LYS A 105 19.32 12.20 25.52
N ALA A 106 20.45 12.31 26.20
CA ALA A 106 20.65 11.62 27.48
C ALA A 106 21.82 12.21 28.19
N PRO A 107 21.80 12.19 29.53
CA PRO A 107 22.90 12.67 30.35
C PRO A 107 24.19 11.98 29.98
N GLY A 108 25.21 12.76 29.63
CA GLY A 108 26.55 12.22 29.42
C GLY A 108 26.82 11.61 28.06
N ILE A 109 25.86 11.73 27.17
CA ILE A 109 26.04 11.23 25.82
C ILE A 109 25.64 12.33 24.87
N PRO A 110 26.34 12.43 23.73
CA PRO A 110 25.92 13.41 22.77
C PRO A 110 24.54 13.08 22.14
N SER A 111 23.77 14.12 21.90
CA SER A 111 22.48 14.01 21.33
C SER A 111 22.57 13.60 19.86
N GLY A 112 21.45 13.04 19.40
CA GLY A 112 21.35 12.66 18.01
C GLY A 112 21.81 13.78 17.11
N MET A 113 21.30 14.98 17.38
CA MET A 113 21.53 16.14 16.52
C MET A 113 22.98 16.57 16.51
N GLU A 114 23.62 16.52 17.67
CA GLU A 114 25.05 16.79 17.79
C GLU A 114 25.88 15.83 16.96
N THR A 115 25.68 14.54 17.16
CA THR A 115 26.43 13.54 16.41
C THR A 115 26.22 13.67 14.89
N LEU A 116 24.98 13.97 14.49
CA LEU A 116 24.63 14.16 13.08
C LEU A 116 25.53 15.18 12.37
N LYS A 117 25.95 16.21 13.10
CA LYS A 117 26.80 17.25 12.54
C LYS A 117 28.16 16.73 12.07
N ASP A 118 28.67 15.67 12.71
CA ASP A 118 29.96 15.03 12.34
C ASP A 118 29.81 13.68 11.62
N THR A 119 28.65 13.43 11.02
CA THR A 119 28.42 12.19 10.28
C THR A 119 28.31 12.54 8.80
N PRO A 120 29.18 11.94 7.95
CA PRO A 120 29.27 12.28 6.56
C PRO A 120 28.29 11.56 5.67
N ALA A 121 27.85 12.26 4.64
CA ALA A 121 26.94 11.70 3.67
C ALA A 121 27.71 10.59 2.98
N PRO A 122 27.01 9.56 2.49
CA PRO A 122 25.58 9.35 2.66
C PRO A 122 25.31 8.84 4.06
N ARG A 123 24.33 9.46 4.74
CA ARG A 123 24.11 9.27 6.16
C ARG A 123 23.07 8.20 6.42
N LEU A 124 23.31 7.43 7.49
CA LEU A 124 22.33 6.50 8.03
C LEU A 124 21.75 7.14 9.27
N LEU A 125 20.42 7.18 9.35
CA LEU A 125 19.72 7.80 10.51
C LEU A 125 18.83 6.79 11.14
N LYS A 126 18.68 6.86 12.44
CA LYS A 126 17.82 5.91 13.19
C LYS A 126 16.65 6.63 13.79
N THR A 127 15.44 6.10 13.71
CA THR A 127 14.35 6.71 14.51
C THR A 127 13.34 5.66 14.98
N HIS A 128 12.58 6.01 16.03
CA HIS A 128 11.39 5.28 16.45
C HIS A 128 10.12 6.15 16.39
N LEU A 129 10.25 7.36 15.87
CA LEU A 129 9.15 8.32 16.02
C LEU A 129 7.99 7.87 15.20
N PRO A 130 6.82 7.92 15.84
CA PRO A 130 5.62 7.76 15.09
C PRO A 130 5.54 8.83 14.03
N LEU A 131 4.79 8.55 12.97
CA LEU A 131 4.60 9.45 11.89
C LEU A 131 4.10 10.76 12.37
N ALA A 132 3.31 10.77 13.42
CA ALA A 132 2.78 12.05 13.97
C ALA A 132 3.90 12.96 14.36
N LEU A 133 5.08 12.42 14.62
CA LEU A 133 6.14 13.25 15.13
C LEU A 133 7.32 13.34 14.18
N LEU A 134 7.30 12.59 13.08
CA LEU A 134 8.45 12.49 12.17
C LEU A 134 8.79 13.85 11.49
N PRO A 135 10.09 14.18 11.40
CA PRO A 135 10.32 15.49 10.69
C PRO A 135 9.81 15.42 9.23
N GLN A 136 9.00 16.38 8.85
CA GLN A 136 8.42 16.40 7.51
C GLN A 136 9.47 16.32 6.36
N THR A 137 10.60 16.96 6.60
CA THR A 137 11.77 16.93 5.71
C THR A 137 12.19 15.53 5.26
N LEU A 138 11.99 14.51 6.09
CA LEU A 138 12.28 13.15 5.60
C LEU A 138 11.30 12.67 4.55
N LEU A 139 10.03 13.04 4.67
CA LEU A 139 9.06 12.65 3.64
C LEU A 139 9.18 13.51 2.34
N ASP A 140 9.30 14.83 2.48
CA ASP A 140 9.49 15.76 1.30
C ASP A 140 10.73 15.47 0.42
N GLN A 141 11.81 15.00 1.06
CA GLN A 141 13.05 14.67 0.44
C GLN A 141 13.08 13.23 -0.05
N LYS A 142 11.97 12.52 0.17
CA LYS A 142 11.78 11.16 -0.33
C LYS A 142 12.92 10.28 0.14
N VAL A 143 13.32 10.38 1.41
CA VAL A 143 14.41 9.52 1.84
C VAL A 143 13.99 8.05 1.99
N LYS A 144 14.79 7.18 1.42
CA LYS A 144 14.61 5.75 1.60
C LYS A 144 14.52 5.39 3.10
N VAL A 145 13.48 4.62 3.44
CA VAL A 145 13.31 4.06 4.78
C VAL A 145 13.49 2.55 4.80
N VAL A 146 14.22 2.05 5.80
CA VAL A 146 14.22 0.60 6.05
C VAL A 146 13.53 0.45 7.38
N TYR A 147 12.34 -0.11 7.33
CA TYR A 147 11.50 -0.36 8.50
C TYR A 147 11.61 -1.84 8.85
N VAL A 148 11.72 -2.10 10.15
CA VAL A 148 11.75 -3.48 10.67
C VAL A 148 10.65 -3.65 11.70
N ALA A 149 9.82 -4.65 11.48
CA ALA A 149 8.72 -4.95 12.36
C ALA A 149 9.00 -6.35 12.97
N ARG A 150 8.48 -6.61 14.16
CA ARG A 150 8.72 -7.84 14.88
C ARG A 150 7.44 -8.16 15.63
N ASN A 151 7.21 -9.43 15.90
CA ASN A 151 5.96 -9.82 16.53
C ASN A 151 5.84 -9.16 17.88
N ALA A 152 4.66 -8.61 18.16
CA ALA A 152 4.44 -7.88 19.41
C ALA A 152 4.79 -8.63 20.74
N LYS A 153 4.71 -9.95 20.73
CA LYS A 153 4.99 -10.73 21.96
C LYS A 153 6.47 -10.68 22.28
N ASP A 154 7.32 -10.93 21.28
CA ASP A 154 8.76 -10.77 21.52
C ASP A 154 9.15 -9.33 21.78
N VAL A 155 8.44 -8.38 21.15
CA VAL A 155 8.70 -6.97 21.37
C VAL A 155 8.40 -6.58 22.84
N ALA A 156 7.25 -6.97 23.34
CA ALA A 156 6.88 -6.64 24.67
C ALA A 156 7.88 -7.17 25.70
N VAL A 157 8.26 -8.44 25.53
CA VAL A 157 9.25 -9.07 26.39
C VAL A 157 10.60 -8.35 26.33
N SER A 158 11.20 -8.22 25.14
CA SER A 158 12.43 -7.41 24.96
C SER A 158 12.29 -6.01 25.56
N TYR A 159 11.14 -5.38 25.31
CA TYR A 159 10.93 -4.03 25.81
C TYR A 159 10.98 -4.00 27.33
N TYR A 160 10.34 -4.96 27.96
CA TYR A 160 10.31 -5.11 29.42
C TYR A 160 11.70 -5.25 30.02
N HIS A 161 12.45 -6.23 29.57
CA HIS A 161 13.90 -6.30 29.96
C HIS A 161 14.65 -4.99 29.68
N PHE A 162 14.39 -4.39 28.52
CA PHE A 162 15.10 -3.16 28.12
C PHE A 162 14.81 -2.02 29.11
N TYR A 163 13.57 -1.93 29.57
CA TYR A 163 13.23 -0.85 30.52
C TYR A 163 14.02 -0.92 31.83
N HIS A 164 14.42 -2.13 32.19
CA HIS A 164 15.18 -2.33 33.46
C HIS A 164 16.63 -1.83 33.36
N MET A 165 17.26 -2.11 32.23
CA MET A 165 18.68 -1.84 32.04
C MET A 165 18.90 -0.41 31.54
N ALA A 166 17.95 0.10 30.76
CA ALA A 166 18.07 1.44 30.17
C ALA A 166 17.34 2.39 31.08
N LYS A 167 18.11 3.00 31.98
CA LYS A 167 17.61 3.66 33.19
C LYS A 167 16.92 5.00 33.01
N VAL A 168 16.93 5.57 31.82
CA VAL A 168 16.13 6.78 31.58
C VAL A 168 14.65 6.48 31.54
N HIS A 169 14.28 5.19 31.47
CA HIS A 169 12.91 4.76 31.23
C HIS A 169 12.22 4.78 32.57
N PRO A 170 10.89 5.02 32.58
CA PRO A 170 10.18 4.93 33.88
C PRO A 170 10.27 3.52 34.47
N GLU A 171 10.02 3.37 35.76
CA GLU A 171 10.01 2.02 36.40
C GLU A 171 9.05 1.12 35.64
N PRO A 172 9.50 -0.04 35.19
CA PRO A 172 8.63 -0.92 34.45
C PRO A 172 7.53 -1.59 35.25
N GLY A 173 7.74 -1.77 36.54
CA GLY A 173 6.76 -2.46 37.39
C GLY A 173 6.84 -3.97 37.16
N THR A 174 5.78 -4.68 37.50
CA THR A 174 5.69 -6.11 37.17
C THR A 174 5.49 -6.33 35.68
N TRP A 175 5.88 -7.49 35.23
CA TRP A 175 5.70 -7.86 33.86
C TRP A 175 4.21 -7.73 33.48
N ASP A 176 3.36 -8.22 34.36
CA ASP A 176 1.96 -8.15 34.09
C ASP A 176 1.44 -6.73 33.88
N SER A 177 1.79 -5.85 34.80
CA SER A 177 1.36 -4.50 34.67
C SER A 177 2.07 -3.81 33.47
N PHE A 178 3.23 -4.30 33.03
CA PHE A 178 3.91 -3.75 31.85
C PHE A 178 3.29 -4.27 30.59
N LEU A 179 2.83 -5.51 30.63
CA LEU A 179 2.13 -6.03 29.52
C LEU A 179 0.83 -5.25 29.28
N GLU A 180 0.10 -4.87 30.33
CA GLU A 180 -1.18 -4.17 30.17
C GLU A 180 -0.91 -2.78 29.65
N LYS A 181 0.14 -2.17 30.16
CA LYS A 181 0.59 -0.86 29.74
C LYS A 181 0.93 -0.90 28.22
N PHE A 182 1.71 -1.88 27.85
CA PHE A 182 2.10 -2.11 26.46
C PHE A 182 0.85 -2.26 25.59
N MET A 183 -0.18 -2.91 26.12
CA MET A 183 -1.37 -3.15 25.32
C MET A 183 -2.16 -1.86 25.01
N VAL A 184 -2.16 -0.88 25.91
CA VAL A 184 -2.81 0.41 25.61
C VAL A 184 -1.78 1.48 25.13
N GLY A 185 -0.63 1.02 24.60
CA GLY A 185 0.46 1.87 24.17
C GLY A 185 0.90 2.91 25.20
N GLU A 186 0.84 2.56 26.46
CA GLU A 186 1.15 3.52 27.49
C GLU A 186 2.57 3.24 27.95
N VAL A 187 3.45 3.21 26.96
CA VAL A 187 4.86 2.98 27.12
C VAL A 187 5.58 3.94 26.16
N SER A 188 6.87 4.08 26.42
CA SER A 188 7.76 4.79 25.52
C SER A 188 7.54 4.52 24.01
N TYR A 189 7.10 5.59 23.35
CA TYR A 189 6.83 5.67 21.94
C TYR A 189 5.39 5.18 21.60
N GLY A 190 4.60 4.87 22.62
CA GLY A 190 3.19 4.59 22.41
C GLY A 190 2.95 3.20 21.85
N SER A 191 1.94 3.08 21.00
CA SER A 191 1.38 1.79 20.56
C SER A 191 2.18 1.12 19.45
N TRP A 192 2.66 -0.10 19.74
CA TRP A 192 3.27 -0.92 18.72
C TRP A 192 2.28 -1.16 17.57
N TYR A 193 1.00 -1.25 17.92
CA TYR A 193 0.00 -1.62 16.99
C TYR A 193 -0.12 -0.54 15.98
N GLN A 194 -0.20 0.70 16.44
CA GLN A 194 -0.36 1.81 15.50
C GLN A 194 0.88 2.02 14.66
N HIS A 195 2.05 1.70 15.24
CA HIS A 195 3.35 1.91 14.61
C HIS A 195 3.55 1.01 13.39
N VAL A 196 3.40 -0.29 13.61
CA VAL A 196 3.68 -1.21 12.51
C VAL A 196 2.63 -1.02 11.37
N GLN A 197 1.44 -0.57 11.72
CA GLN A 197 0.40 -0.30 10.73
C GLN A 197 0.61 0.98 9.95
N GLU A 198 1.07 2.05 10.61
CA GLU A 198 1.11 3.37 9.97
C GLU A 198 2.31 3.41 9.00
N TRP A 199 3.40 2.75 9.40
CA TRP A 199 4.56 2.67 8.55
C TRP A 199 4.29 1.66 7.43
N TRP A 200 3.35 0.74 7.64
CA TRP A 200 3.02 -0.23 6.58
C TRP A 200 2.23 0.46 5.50
N GLU A 201 1.31 1.35 5.88
CA GLU A 201 0.52 2.14 4.94
CA GLU A 201 0.50 2.18 4.95
C GLU A 201 1.36 3.19 4.19
N LEU A 202 2.28 3.83 4.90
CA LEU A 202 3.18 4.79 4.32
C LEU A 202 3.94 4.24 3.11
N SER A 203 4.22 2.94 3.15
CA SER A 203 5.02 2.29 2.12
C SER A 203 4.34 2.28 0.75
N ARG A 204 3.07 2.68 0.70
CA ARG A 204 2.38 2.85 -0.58
C ARG A 204 2.67 4.20 -1.24
N THR A 205 2.85 5.26 -0.44
CA THR A 205 3.10 6.57 -1.02
C THR A 205 4.55 6.96 -0.90
N HIS A 206 5.37 6.09 -0.32
CA HIS A 206 6.73 6.42 0.03
C HIS A 206 7.60 5.18 -0.07
N PRO A 207 8.89 5.34 -0.39
CA PRO A 207 9.78 4.23 -0.60
C PRO A 207 10.34 3.67 0.73
N VAL A 208 9.77 2.52 1.07
CA VAL A 208 9.97 1.79 2.30
C VAL A 208 10.24 0.32 1.91
N LEU A 209 11.40 -0.16 2.31
CA LEU A 209 11.66 -1.58 2.46
C LEU A 209 11.15 -1.97 3.85
N TYR A 210 10.04 -2.73 3.90
CA TYR A 210 9.47 -3.23 5.14
C TYR A 210 9.91 -4.66 5.45
N LEU A 211 10.83 -4.81 6.41
CA LEU A 211 11.47 -6.09 6.76
C LEU A 211 10.92 -6.69 8.05
N PHE A 212 11.11 -7.98 8.29
CA PHE A 212 10.59 -8.53 9.53
C PHE A 212 11.76 -9.13 10.24
N TYR A 213 11.87 -8.87 11.53
CA TYR A 213 12.89 -9.47 12.34
C TYR A 213 12.84 -11.01 12.18
N GLU A 214 11.69 -11.59 12.32
CA GLU A 214 11.61 -13.05 12.12
C GLU A 214 12.21 -13.54 10.78
N ASP A 215 11.96 -12.81 9.70
CA ASP A 215 12.57 -13.17 8.40
C ASP A 215 14.08 -13.08 8.44
N MET A 216 14.57 -12.11 9.17
CA MET A 216 16.00 -11.94 9.32
C MET A 216 16.57 -13.10 10.18
N LYS A 217 15.79 -13.59 11.15
CA LYS A 217 16.21 -14.80 11.90
C LYS A 217 16.22 -16.09 11.02
N GLU A 218 15.14 -16.29 10.28
CA GLU A 218 15.00 -17.45 9.42
C GLU A 218 16.12 -17.51 8.42
N ASN A 219 16.45 -16.37 7.80
CA ASN A 219 17.41 -16.38 6.68
C ASN A 219 18.11 -15.05 6.43
N PRO A 220 19.16 -14.80 7.19
CA PRO A 220 19.74 -13.44 7.16
C PRO A 220 20.29 -13.01 5.77
N LYS A 221 20.79 -13.96 4.99
CA LYS A 221 21.33 -13.68 3.68
C LYS A 221 20.25 -13.25 2.65
N ARG A 222 19.08 -13.89 2.65
CA ARG A 222 17.99 -13.43 1.78
C ARG A 222 17.74 -11.94 2.07
N GLU A 223 17.53 -11.63 3.35
CA GLU A 223 17.15 -10.28 3.77
C GLU A 223 18.23 -9.26 3.50
N ILE A 224 19.49 -9.65 3.64
CA ILE A 224 20.59 -8.73 3.38
C ILE A 224 20.68 -8.41 1.89
N GLN A 225 20.47 -9.39 1.03
CA GLN A 225 20.43 -9.15 -0.39
C GLN A 225 19.21 -8.31 -0.76
N LYS A 226 18.15 -8.32 0.01
CA LYS A 226 17.01 -7.49 -0.34
C LYS A 226 17.31 -6.04 0.03
N ILE A 227 17.95 -5.86 1.19
CA ILE A 227 18.46 -4.58 1.61
C ILE A 227 19.34 -3.98 0.54
N LEU A 228 20.32 -4.74 0.05
CA LEU A 228 21.21 -4.36 -1.05
C LEU A 228 20.48 -3.96 -2.35
N GLU A 229 19.51 -4.75 -2.76
CA GLU A 229 18.63 -4.44 -3.90
C GLU A 229 18.02 -3.05 -3.63
N PHE A 230 17.52 -2.86 -2.42
CA PHE A 230 16.88 -1.60 -2.05
C PHE A 230 17.76 -0.37 -2.13
N VAL A 231 18.96 -0.46 -1.58
CA VAL A 231 19.88 0.69 -1.56
C VAL A 231 20.74 0.80 -2.82
N GLY A 232 20.62 -0.17 -3.74
CA GLY A 232 21.35 -0.15 -5.05
C GLY A 232 22.83 -0.52 -5.12
N HIS A 233 23.40 -1.09 -4.04
CA HIS A 233 24.76 -1.64 -4.08
C HIS A 233 24.64 -3.08 -4.53
N SER A 234 25.53 -3.50 -5.41
CA SER A 234 25.75 -4.93 -5.62
C SER A 234 27.03 -5.18 -4.83
N LEU A 235 27.16 -6.36 -4.23
CA LEU A 235 28.41 -6.73 -3.57
C LEU A 235 28.61 -8.21 -3.85
N PRO A 236 29.88 -8.70 -3.75
CA PRO A 236 30.10 -10.11 -4.09
C PRO A 236 29.73 -11.01 -2.92
N GLU A 237 29.53 -12.29 -3.24
CA GLU A 237 29.04 -13.26 -2.28
C GLU A 237 30.07 -13.53 -1.20
N GLU A 238 31.35 -13.49 -1.55
CA GLU A 238 32.41 -13.56 -0.54
C GLU A 238 32.05 -12.52 0.53
N THR A 239 31.78 -11.29 0.09
CA THR A 239 31.43 -10.19 0.99
C THR A 239 30.07 -10.37 1.72
N VAL A 240 28.99 -10.73 1.01
CA VAL A 240 27.70 -10.95 1.66
C VAL A 240 27.87 -11.96 2.80
N ASP A 241 28.14 -13.21 2.45
CA ASP A 241 28.45 -14.26 3.43
C ASP A 241 29.23 -13.67 4.60
N PHE A 242 30.23 -12.84 4.30
CA PHE A 242 31.05 -12.21 5.33
C PHE A 242 30.20 -11.31 6.28
N MET A 243 29.20 -10.62 5.72
CA MET A 243 28.39 -9.68 6.50
C MET A 243 27.47 -10.46 7.44
N VAL A 244 26.84 -11.48 6.85
CA VAL A 244 26.03 -12.46 7.53
C VAL A 244 26.67 -12.80 8.85
N GLN A 245 27.89 -13.30 8.78
CA GLN A 245 28.54 -13.82 9.96
C GLN A 245 28.84 -12.73 10.93
N HIS A 246 29.21 -11.56 10.43
CA HIS A 246 29.52 -10.46 11.35
C HIS A 246 28.32 -9.66 11.83
N THR A 247 27.14 -9.99 11.32
CA THR A 247 25.88 -9.45 11.82
C THR A 247 25.05 -10.49 12.60
N SER A 248 25.62 -11.66 12.89
CA SER A 248 24.90 -12.64 13.72
C SER A 248 24.81 -12.12 15.15
N PHE A 249 23.86 -12.67 15.90
CA PHE A 249 23.69 -12.29 17.30
C PHE A 249 24.98 -12.51 18.12
N LYS A 250 25.59 -13.69 17.98
CA LYS A 250 26.81 -14.06 18.75
C LYS A 250 27.93 -13.05 18.51
N GLU A 251 28.18 -12.69 17.24
CA GLU A 251 29.23 -11.71 16.90
C GLU A 251 28.82 -10.28 17.32
N MET A 252 27.53 -9.93 17.27
CA MET A 252 27.16 -8.56 17.63
C MET A 252 27.09 -8.42 19.16
N LYS A 253 26.91 -9.53 19.86
CA LYS A 253 27.05 -9.55 21.31
C LYS A 253 28.51 -9.33 21.73
N LYS A 254 29.45 -9.92 20.97
CA LYS A 254 30.88 -9.84 21.27
C LYS A 254 31.42 -8.47 20.93
N ASN A 255 30.81 -7.84 19.93
CA ASN A 255 31.37 -6.63 19.34
C ASN A 255 30.94 -5.42 20.15
N PRO A 256 31.90 -4.66 20.71
CA PRO A 256 31.61 -3.52 21.58
C PRO A 256 31.24 -2.23 20.88
N MET A 257 31.41 -2.21 19.56
CA MET A 257 30.87 -1.14 18.74
C MET A 257 29.40 -1.45 18.31
N THR A 258 28.81 -2.52 18.86
CA THR A 258 27.41 -2.88 18.58
C THR A 258 26.63 -3.32 19.83
N ASN A 259 27.31 -3.66 20.93
CA ASN A 259 26.63 -4.25 22.09
C ASN A 259 26.30 -3.24 23.18
N TYR A 260 26.63 -1.96 22.98
CA TYR A 260 26.33 -0.86 23.91
C TYR A 260 26.99 -0.93 25.34
N THR A 261 27.96 -1.81 25.53
CA THR A 261 28.77 -1.85 26.75
C THR A 261 29.73 -0.65 26.93
N THR A 262 30.04 0.07 25.85
CA THR A 262 30.90 1.24 25.99
C THR A 262 30.19 2.41 26.69
N VAL A 263 28.85 2.41 26.76
CA VAL A 263 28.14 3.55 27.40
C VAL A 263 28.37 3.49 28.90
N PRO A 264 28.10 4.60 29.61
CA PRO A 264 28.27 4.57 31.07
C PRO A 264 27.22 3.69 31.74
N GLN A 265 27.63 3.01 32.81
CA GLN A 265 26.75 2.11 33.57
C GLN A 265 25.49 2.83 34.16
N GLU A 266 25.57 4.14 34.38
CA GLU A 266 24.41 4.94 34.88
C GLU A 266 23.30 5.14 33.82
N PHE A 267 23.63 4.82 32.56
CA PHE A 267 22.75 4.95 31.41
C PHE A 267 22.23 3.59 30.96
N MET A 268 23.13 2.61 30.81
CA MET A 268 22.71 1.22 30.54
C MET A 268 23.48 0.25 31.44
N ASP A 269 22.73 -0.54 32.21
CA ASP A 269 23.32 -1.50 33.10
C ASP A 269 23.07 -2.92 32.62
N HIS A 270 24.01 -3.37 31.81
CA HIS A 270 24.05 -4.72 31.25
C HIS A 270 24.06 -5.87 32.28
N SER A 271 24.41 -5.56 33.53
CA SER A 271 24.38 -6.56 34.61
C SER A 271 22.96 -6.83 35.08
N ILE A 272 22.07 -5.85 34.88
CA ILE A 272 20.63 -6.05 35.08
C ILE A 272 20.08 -6.85 33.89
N SER A 273 20.30 -6.33 32.71
CA SER A 273 19.94 -7.02 31.49
C SER A 273 20.84 -6.55 30.35
N PRO A 274 21.49 -7.48 29.64
CA PRO A 274 22.35 -7.02 28.57
C PRO A 274 21.53 -6.50 27.38
N PHE A 275 22.13 -5.59 26.61
CA PHE A 275 21.46 -5.05 25.45
C PHE A 275 21.20 -6.19 24.50
N MET A 276 22.26 -6.88 24.14
CA MET A 276 22.16 -8.10 23.36
C MET A 276 21.75 -9.21 24.32
N ARG A 277 20.47 -9.57 24.28
CA ARG A 277 19.84 -10.33 25.35
C ARG A 277 19.80 -11.84 25.02
N LYS A 278 18.98 -12.20 24.03
CA LYS A 278 18.93 -13.56 23.53
C LYS A 278 18.90 -13.62 22.02
N GLY A 279 18.42 -12.55 21.40
CA GLY A 279 18.31 -12.52 19.98
C GLY A 279 17.51 -13.65 19.39
N MET A 280 16.47 -14.11 20.07
CA MET A 280 15.64 -15.26 19.66
CA MET A 280 15.70 -15.21 19.48
C MET A 280 14.31 -14.77 19.10
N ALA A 281 13.71 -15.51 18.20
CA ALA A 281 12.31 -15.37 17.89
C ALA A 281 11.67 -16.50 18.65
N GLY A 282 10.48 -16.24 19.22
CA GLY A 282 9.69 -17.28 19.90
C GLY A 282 9.90 -17.43 21.40
N ASP A 283 10.91 -16.78 21.98
CA ASP A 283 11.14 -16.92 23.43
C ASP A 283 10.09 -16.25 24.31
N TRP A 284 9.20 -15.45 23.73
CA TRP A 284 8.14 -14.86 24.54
C TRP A 284 7.43 -15.92 25.41
N LYS A 285 7.29 -17.11 24.88
CA LYS A 285 6.66 -18.19 25.59
C LYS A 285 7.22 -18.47 27.00
N THR A 286 8.44 -18.05 27.31
CA THR A 286 9.01 -18.35 28.63
C THR A 286 8.72 -17.17 29.56
N THR A 287 8.08 -16.12 29.05
CA THR A 287 7.60 -15.04 29.95
C THR A 287 6.07 -14.96 30.06
N PHE A 288 5.36 -15.05 28.93
CA PHE A 288 3.90 -14.84 29.00
C PHE A 288 3.28 -16.01 29.72
N THR A 289 2.39 -15.73 30.65
CA THR A 289 1.58 -16.81 31.25
C THR A 289 0.50 -17.21 30.26
N VAL A 290 -0.16 -18.34 30.50
CA VAL A 290 -1.24 -18.78 29.61
C VAL A 290 -2.38 -17.76 29.61
N ALA A 291 -2.78 -17.29 30.78
CA ALA A 291 -3.83 -16.25 30.88
C ALA A 291 -3.43 -14.97 30.08
N GLN A 292 -2.21 -14.48 30.31
CA GLN A 292 -1.71 -13.33 29.55
C GLN A 292 -1.81 -13.59 28.06
N ASN A 293 -1.49 -14.79 27.66
CA ASN A 293 -1.49 -15.15 26.26
C ASN A 293 -2.90 -15.12 25.64
N GLU A 294 -3.88 -15.71 26.29
CA GLU A 294 -5.25 -15.71 25.76
C GLU A 294 -5.80 -14.30 25.63
N ARG A 295 -5.62 -13.54 26.69
CA ARG A 295 -6.00 -12.18 26.78
C ARG A 295 -5.26 -11.31 25.68
N PHE A 296 -3.93 -11.37 25.63
CA PHE A 296 -3.20 -10.68 24.54
C PHE A 296 -3.78 -11.00 23.16
N ASP A 297 -4.03 -12.29 22.90
CA ASP A 297 -4.42 -12.75 21.53
C ASP A 297 -5.77 -12.20 21.14
N ALA A 298 -6.69 -12.14 22.09
CA ALA A 298 -8.03 -11.61 21.81
C ALA A 298 -7.96 -10.13 21.53
N ASP A 299 -7.18 -9.41 22.33
CA ASP A 299 -6.99 -8.00 22.12
C ASP A 299 -6.28 -7.80 20.79
N TYR A 300 -5.34 -8.69 20.48
CA TYR A 300 -4.50 -8.56 19.30
C TYR A 300 -5.34 -8.65 18.04
N ALA A 301 -6.25 -9.63 17.99
CA ALA A 301 -7.06 -9.91 16.78
C ALA A 301 -7.99 -8.74 16.44
N GLU A 302 -8.27 -7.95 17.46
CA GLU A 302 -9.16 -6.80 17.40
C GLU A 302 -8.40 -5.53 16.99
N LYS A 303 -7.12 -5.45 17.37
CA LYS A 303 -6.27 -4.29 17.01
C LYS A 303 -5.85 -4.46 15.57
N MET A 304 -5.65 -5.70 15.15
CA MET A 304 -5.02 -5.97 13.87
C MET A 304 -6.03 -6.33 12.79
N ALA A 305 -7.33 -6.35 13.12
CA ALA A 305 -8.38 -6.63 12.12
C ALA A 305 -8.42 -5.52 11.08
N GLY A 306 -8.51 -5.91 9.81
CA GLY A 306 -8.49 -4.95 8.68
C GLY A 306 -7.08 -4.61 8.17
N CYS A 307 -6.07 -5.34 8.69
CA CYS A 307 -4.66 -5.13 8.33
C CYS A 307 -4.13 -6.35 7.58
N SER A 308 -3.51 -6.11 6.42
CA SER A 308 -2.96 -7.20 5.61
C SER A 308 -1.74 -7.78 6.28
N LEU A 309 -1.14 -6.99 7.18
CA LEU A 309 0.03 -7.40 7.92
C LEU A 309 -0.14 -8.75 8.62
N SER A 310 0.79 -9.66 8.33
CA SER A 310 0.84 -10.96 8.98
C SER A 310 2.18 -11.13 9.73
N PHE A 311 2.09 -11.47 11.01
CA PHE A 311 3.29 -11.69 11.83
C PHE A 311 3.49 -13.15 12.23
N ARG A 312 4.73 -13.61 12.15
CA ARG A 312 5.13 -14.91 12.68
C ARG A 312 5.60 -14.67 14.12
N SER A 313 4.97 -15.33 15.10
CA SER A 313 5.42 -15.23 16.49
C SER A 313 6.43 -16.33 16.87
N GLU A 314 6.86 -17.12 15.88
CA GLU A 314 7.99 -18.08 16.02
C GLU A 314 8.31 -18.80 14.69
N LEU A 315 9.51 -19.38 14.58
CA LEU A 315 9.94 -20.09 13.37
C LEU A 315 9.77 -21.63 13.45
N SER B 28 -17.26 -6.55 -40.10
CA SER B 28 -16.86 -7.02 -38.72
C SER B 28 -15.42 -6.62 -38.44
N ARG B 29 -15.16 -6.35 -37.17
CA ARG B 29 -13.86 -5.84 -36.73
C ARG B 29 -13.45 -4.59 -37.52
N PRO B 30 -14.33 -3.57 -37.49
CA PRO B 30 -14.06 -2.28 -38.07
C PRO B 30 -12.93 -1.53 -37.37
N PRO B 31 -12.22 -0.66 -38.09
CA PRO B 31 -11.19 0.11 -37.42
C PRO B 31 -11.78 1.17 -36.49
N LEU B 32 -10.94 1.67 -35.60
CA LEU B 32 -11.33 2.75 -34.70
C LEU B 32 -11.59 4.04 -35.48
N GLU B 33 -12.44 4.92 -34.91
CA GLU B 33 -12.62 6.28 -35.42
CA GLU B 33 -12.62 6.29 -35.44
C GLU B 33 -12.16 7.31 -34.40
N TYR B 34 -11.33 8.23 -34.82
CA TYR B 34 -10.82 9.23 -33.90
C TYR B 34 -11.83 10.39 -33.79
N VAL B 35 -12.08 10.86 -32.57
CA VAL B 35 -12.90 12.08 -32.34
C VAL B 35 -12.26 12.94 -31.26
N LYS B 36 -11.94 14.17 -31.61
CA LYS B 36 -11.17 15.07 -30.75
C LYS B 36 -10.02 14.33 -30.08
N GLY B 37 -9.24 13.66 -30.91
CA GLY B 37 -7.99 13.03 -30.48
C GLY B 37 -8.15 11.69 -29.79
N VAL B 38 -9.40 11.15 -29.69
CA VAL B 38 -9.66 9.91 -28.97
C VAL B 38 -10.13 8.83 -29.94
N PRO B 39 -9.42 7.70 -29.98
CA PRO B 39 -9.82 6.58 -30.78
C PRO B 39 -10.97 5.84 -30.11
N LEU B 40 -12.03 5.59 -30.85
CA LEU B 40 -13.25 5.02 -30.33
C LEU B 40 -13.73 3.94 -31.29
N ILE B 41 -14.41 2.96 -30.73
CA ILE B 41 -15.23 2.08 -31.53
C ILE B 41 -16.24 2.93 -32.31
N LYS B 42 -16.30 2.71 -33.61
CA LYS B 42 -17.19 3.44 -34.56
C LYS B 42 -18.61 3.64 -34.05
N TYR B 43 -19.20 2.57 -33.59
CA TYR B 43 -20.57 2.64 -33.10
C TYR B 43 -20.60 3.61 -31.95
N PHE B 44 -19.61 3.54 -31.05
CA PHE B 44 -19.66 4.38 -29.88
C PHE B 44 -19.49 5.84 -30.31
N ALA B 45 -18.64 6.10 -31.28
CA ALA B 45 -18.59 7.39 -31.98
C ALA B 45 -19.96 7.87 -32.46
N GLU B 46 -20.69 7.03 -33.20
CA GLU B 46 -22.08 7.36 -33.62
C GLU B 46 -22.96 7.75 -32.43
N ALA B 47 -22.78 7.06 -31.32
CA ALA B 47 -23.63 7.21 -30.15
C ALA B 47 -23.45 8.56 -29.46
N LEU B 48 -22.29 9.22 -29.68
CA LEU B 48 -22.04 10.55 -29.10
C LEU B 48 -23.06 11.60 -29.56
N GLY B 49 -23.62 11.39 -30.77
CA GLY B 49 -24.66 12.24 -31.35
C GLY B 49 -25.86 12.36 -30.43
N PRO B 50 -26.60 11.25 -30.23
CA PRO B 50 -27.73 11.33 -29.32
C PRO B 50 -27.30 11.61 -27.86
N LEU B 51 -26.10 11.16 -27.45
CA LEU B 51 -25.56 11.51 -26.10
C LEU B 51 -25.51 13.01 -25.87
N GLN B 52 -25.31 13.75 -26.95
CA GLN B 52 -25.34 15.20 -26.94
C GLN B 52 -26.60 15.76 -26.19
N SER B 53 -27.71 15.01 -26.18
CA SER B 53 -29.00 15.47 -25.59
C SER B 53 -29.28 15.01 -24.14
N PHE B 54 -28.32 14.27 -23.62
CA PHE B 54 -28.39 13.75 -22.28
C PHE B 54 -28.32 14.89 -21.28
N GLN B 55 -29.24 14.82 -20.31
CA GLN B 55 -29.36 15.78 -19.21
C GLN B 55 -29.11 15.01 -17.92
N ALA B 56 -27.99 15.33 -17.26
CA ALA B 56 -27.67 14.81 -15.94
C ALA B 56 -28.62 15.36 -14.84
N ARG B 57 -28.98 14.53 -13.87
CA ARG B 57 -29.78 14.98 -12.72
C ARG B 57 -28.77 15.14 -11.63
N PRO B 58 -29.08 15.93 -10.59
CA PRO B 58 -28.08 16.03 -9.50
C PRO B 58 -27.93 14.74 -8.64
N ASP B 59 -28.89 13.82 -8.73
CA ASP B 59 -28.81 12.60 -7.92
C ASP B 59 -28.19 11.42 -8.64
N ASP B 60 -27.84 11.58 -9.91
CA ASP B 60 -27.11 10.59 -10.71
C ASP B 60 -25.79 10.27 -10.05
N LEU B 61 -25.17 9.14 -10.40
CA LEU B 61 -23.81 8.82 -9.99
C LEU B 61 -23.05 8.21 -11.14
N LEU B 62 -21.84 8.70 -11.43
CA LEU B 62 -21.07 8.22 -12.57
C LEU B 62 -19.99 7.28 -12.09
N ILE B 63 -20.09 6.05 -12.61
CA ILE B 63 -19.01 5.08 -12.63
C ILE B 63 -18.15 5.33 -13.90
N SER B 64 -16.88 5.70 -13.68
CA SER B 64 -15.95 6.09 -14.72
C SER B 64 -14.69 5.27 -14.56
N THR B 65 -14.24 4.64 -15.65
CA THR B 65 -13.01 3.86 -15.65
C THR B 65 -12.39 3.87 -17.03
N TYR B 66 -11.07 3.68 -17.09
CA TYR B 66 -10.45 3.17 -18.29
C TYR B 66 -10.91 1.70 -18.42
N PRO B 67 -11.10 1.23 -19.65
CA PRO B 67 -11.61 -0.12 -19.67
C PRO B 67 -10.76 -1.12 -18.98
N LYS B 68 -11.41 -2.12 -18.39
CA LYS B 68 -10.75 -3.30 -17.78
C LYS B 68 -10.20 -3.04 -16.42
N SER B 69 -10.71 -1.98 -15.79
CA SER B 69 -10.19 -1.53 -14.52
C SER B 69 -11.12 -1.88 -13.39
N GLY B 70 -12.22 -2.51 -13.72
CA GLY B 70 -13.15 -2.95 -12.67
C GLY B 70 -14.53 -2.36 -12.78
N THR B 71 -14.92 -1.95 -13.98
CA THR B 71 -16.19 -1.26 -14.13
C THR B 71 -17.36 -2.12 -13.61
N THR B 72 -17.37 -3.37 -14.06
CA THR B 72 -18.47 -4.24 -13.81
C THR B 72 -18.51 -4.56 -12.31
N TRP B 73 -17.34 -4.79 -11.74
CA TRP B 73 -17.23 -5.13 -10.34
C TRP B 73 -17.86 -4.03 -9.49
N VAL B 74 -17.41 -2.78 -9.66
CA VAL B 74 -17.95 -1.68 -8.90
C VAL B 74 -19.42 -1.38 -9.26
N SER B 75 -19.85 -1.75 -10.46
CA SER B 75 -21.25 -1.53 -10.83
C SER B 75 -22.18 -2.39 -9.99
N GLN B 76 -21.81 -3.67 -9.90
CA GLN B 76 -22.54 -4.62 -9.05
C GLN B 76 -22.51 -4.15 -7.61
N ILE B 77 -21.33 -3.73 -7.11
CA ILE B 77 -21.27 -3.22 -5.73
C ILE B 77 -22.26 -2.08 -5.61
N LEU B 78 -22.21 -1.15 -6.54
CA LEU B 78 -23.03 0.04 -6.34
C LEU B 78 -24.52 -0.27 -6.41
N ASP B 79 -24.90 -1.21 -7.28
CA ASP B 79 -26.30 -1.53 -7.45
C ASP B 79 -26.88 -2.34 -6.25
N MET B 80 -26.03 -3.15 -5.62
CA MET B 80 -26.37 -3.79 -4.35
C MET B 80 -26.59 -2.71 -3.32
N ILE B 81 -25.69 -1.73 -3.26
CA ILE B 81 -25.81 -0.68 -2.26
C ILE B 81 -27.12 0.02 -2.49
N TYR B 82 -27.42 0.28 -3.76
CA TYR B 82 -28.64 1.01 -4.12
C TYR B 82 -29.93 0.23 -3.84
N GLN B 83 -29.91 -1.10 -3.97
CA GLN B 83 -31.09 -1.89 -3.60
C GLN B 83 -31.03 -2.35 -2.12
N GLY B 84 -30.30 -1.63 -1.26
CA GLY B 84 -30.22 -1.95 0.17
C GLY B 84 -29.57 -3.31 0.54
N GLY B 85 -28.93 -3.95 -0.43
CA GLY B 85 -28.34 -5.28 -0.23
C GLY B 85 -29.18 -6.43 -0.77
N ASP B 86 -30.31 -6.09 -1.39
CA ASP B 86 -31.28 -7.11 -1.82
C ASP B 86 -30.80 -7.78 -3.09
N LEU B 87 -30.41 -9.05 -2.99
CA LEU B 87 -29.85 -9.81 -4.12
C LEU B 87 -30.89 -10.11 -5.21
N GLU B 88 -32.14 -10.22 -4.84
CA GLU B 88 -33.18 -10.52 -5.84
C GLU B 88 -33.42 -9.31 -6.75
N LYS B 89 -33.29 -8.11 -6.19
CA LYS B 89 -33.50 -6.91 -6.97
C LYS B 89 -32.33 -6.78 -7.93
N CYS B 90 -31.11 -6.92 -7.42
CA CYS B 90 -29.94 -6.97 -8.30
C CYS B 90 -30.12 -7.94 -9.47
N HIS B 91 -30.82 -9.04 -9.28
CA HIS B 91 -30.96 -9.98 -10.38
C HIS B 91 -32.07 -9.62 -11.37
N ARG B 92 -32.61 -8.40 -11.27
CA ARG B 92 -33.75 -8.00 -12.12
C ARG B 92 -33.40 -7.91 -13.61
N ALA B 93 -32.14 -7.61 -13.91
CA ALA B 93 -31.66 -7.61 -15.29
C ALA B 93 -30.12 -7.67 -15.41
N PRO B 94 -29.60 -7.85 -16.62
CA PRO B 94 -28.12 -7.84 -16.68
C PRO B 94 -27.54 -6.47 -16.27
N ILE B 95 -26.30 -6.46 -15.79
CA ILE B 95 -25.69 -5.23 -15.23
C ILE B 95 -25.67 -4.14 -16.27
N PHE B 96 -25.60 -4.46 -17.56
CA PHE B 96 -25.60 -3.43 -18.60
C PHE B 96 -27.00 -2.80 -18.82
N MET B 97 -28.03 -3.47 -18.31
CA MET B 97 -29.36 -2.86 -18.35
C MET B 97 -29.65 -2.07 -17.06
N ARG B 98 -29.03 -2.46 -15.97
CA ARG B 98 -29.28 -1.79 -14.69
C ARG B 98 -28.46 -0.54 -14.55
N VAL B 99 -27.29 -0.52 -15.22
CA VAL B 99 -26.39 0.65 -15.21
C VAL B 99 -26.05 1.07 -16.68
N PRO B 100 -26.91 1.95 -17.24
CA PRO B 100 -26.75 2.42 -18.61
C PRO B 100 -25.33 2.87 -18.91
N PHE B 101 -24.87 2.40 -20.06
CA PHE B 101 -23.49 2.66 -20.50
C PHE B 101 -23.60 3.85 -21.51
N LEU B 102 -23.20 5.04 -21.09
CA LEU B 102 -23.66 6.25 -21.77
C LEU B 102 -23.34 6.28 -23.26
N GLU B 103 -22.06 6.00 -23.57
CA GLU B 103 -21.59 6.05 -24.97
C GLU B 103 -21.82 4.76 -25.77
N PHE B 104 -22.61 3.87 -25.22
CA PHE B 104 -22.68 2.54 -25.77
C PHE B 104 -23.73 2.40 -26.85
N LYS B 105 -23.32 1.69 -27.91
CA LYS B 105 -24.14 1.34 -29.01
C LYS B 105 -23.58 0.10 -29.71
N ALA B 106 -24.45 -0.81 -30.17
CA ALA B 106 -24.01 -1.92 -31.09
C ALA B 106 -25.16 -2.63 -31.77
N PRO B 107 -24.96 -3.06 -33.03
CA PRO B 107 -25.90 -3.90 -33.77
C PRO B 107 -26.57 -4.92 -32.89
N GLY B 108 -27.91 -4.95 -32.89
CA GLY B 108 -28.68 -5.94 -32.13
C GLY B 108 -28.91 -5.73 -30.64
N ILE B 109 -28.24 -4.72 -30.06
CA ILE B 109 -28.28 -4.46 -28.61
C ILE B 109 -28.74 -3.01 -28.40
N PRO B 110 -29.61 -2.79 -27.39
CA PRO B 110 -30.09 -1.40 -27.11
C PRO B 110 -28.95 -0.46 -26.81
N SER B 111 -28.99 0.74 -27.36
CA SER B 111 -27.97 1.74 -27.05
C SER B 111 -28.11 2.14 -25.60
N GLY B 112 -27.01 2.58 -25.00
CA GLY B 112 -27.06 3.16 -23.65
C GLY B 112 -28.13 4.25 -23.49
N MET B 113 -28.32 5.07 -24.52
CA MET B 113 -29.23 6.20 -24.38
C MET B 113 -30.66 5.71 -24.29
N GLU B 114 -30.99 4.70 -25.09
CA GLU B 114 -32.30 4.06 -25.07
C GLU B 114 -32.52 3.37 -23.73
N THR B 115 -31.51 2.69 -23.20
CA THR B 115 -31.63 2.13 -21.85
C THR B 115 -31.76 3.18 -20.71
N LEU B 116 -31.24 4.38 -20.93
CA LEU B 116 -31.34 5.45 -19.94
C LEU B 116 -32.79 5.96 -19.74
N LYS B 117 -33.61 5.90 -20.79
CA LYS B 117 -34.98 6.42 -20.74
C LYS B 117 -35.80 5.71 -19.69
N ASP B 118 -35.55 4.40 -19.56
CA ASP B 118 -36.28 3.54 -18.65
C ASP B 118 -35.50 3.21 -17.39
N THR B 119 -34.42 3.95 -17.10
CA THR B 119 -33.70 3.75 -15.83
C THR B 119 -34.20 4.77 -14.78
N PRO B 120 -34.80 4.29 -13.69
CA PRO B 120 -35.36 5.25 -12.74
C PRO B 120 -34.26 5.83 -11.82
N ALA B 121 -34.45 7.08 -11.37
CA ALA B 121 -33.54 7.72 -10.41
C ALA B 121 -33.68 7.09 -8.99
N PRO B 122 -32.63 7.10 -8.21
CA PRO B 122 -31.33 7.66 -8.48
C PRO B 122 -30.52 6.74 -9.39
N ARG B 123 -29.88 7.31 -10.40
CA ARG B 123 -29.37 6.52 -11.51
C ARG B 123 -27.91 6.25 -11.38
N LEU B 124 -27.53 5.03 -11.75
CA LEU B 124 -26.13 4.65 -11.81
C LEU B 124 -25.78 4.69 -13.28
N LEU B 125 -24.75 5.46 -13.62
CA LEU B 125 -24.31 5.57 -15.02
C LEU B 125 -22.87 5.11 -15.18
N LYS B 126 -22.57 4.52 -16.33
CA LYS B 126 -21.21 4.07 -16.67
C LYS B 126 -20.64 4.79 -17.90
N THR B 127 -19.36 5.12 -17.86
CA THR B 127 -18.64 5.61 -19.03
C THR B 127 -17.13 5.25 -18.95
N HIS B 128 -16.47 5.21 -20.10
CA HIS B 128 -15.02 5.22 -20.18
C HIS B 128 -14.51 6.47 -20.92
N LEU B 129 -15.38 7.44 -21.18
CA LEU B 129 -14.95 8.59 -22.00
C LEU B 129 -13.91 9.43 -21.31
N PRO B 130 -12.86 9.78 -22.04
CA PRO B 130 -11.97 10.82 -21.60
C PRO B 130 -12.72 12.16 -21.35
N LEU B 131 -12.17 12.97 -20.46
CA LEU B 131 -12.72 14.26 -20.23
C LEU B 131 -13.00 15.03 -21.52
N ALA B 132 -12.17 14.85 -22.53
CA ALA B 132 -12.33 15.57 -23.78
C ALA B 132 -13.74 15.39 -24.28
N LEU B 133 -14.31 14.20 -24.05
CA LEU B 133 -15.56 13.81 -24.68
C LEU B 133 -16.70 13.72 -23.67
N LEU B 134 -16.41 13.81 -22.37
CA LEU B 134 -17.44 13.63 -21.34
C LEU B 134 -18.54 14.71 -21.42
N PRO B 135 -19.83 14.28 -21.47
CA PRO B 135 -20.92 15.34 -21.51
C PRO B 135 -20.71 16.33 -20.36
N GLN B 136 -20.63 17.61 -20.70
CA GLN B 136 -20.39 18.69 -19.75
C GLN B 136 -21.45 18.77 -18.61
N THR B 137 -22.68 18.35 -18.92
CA THR B 137 -23.80 18.24 -17.93
C THR B 137 -23.42 17.42 -16.68
N LEU B 138 -22.53 16.44 -16.82
CA LEU B 138 -22.08 15.69 -15.63
C LEU B 138 -21.20 16.50 -14.70
N LEU B 139 -20.38 17.39 -15.24
CA LEU B 139 -19.55 18.22 -14.37
C LEU B 139 -20.35 19.39 -13.74
N ASP B 140 -21.24 19.99 -14.55
CA ASP B 140 -22.05 21.16 -14.16
C ASP B 140 -23.10 20.85 -13.07
N GLN B 141 -23.67 19.64 -13.16
CA GLN B 141 -24.61 19.11 -12.18
C GLN B 141 -23.89 18.49 -10.99
N LYS B 142 -22.58 18.47 -11.00
CA LYS B 142 -21.75 17.98 -9.86
C LYS B 142 -22.11 16.55 -9.50
N VAL B 143 -22.26 15.70 -10.51
CA VAL B 143 -22.58 14.31 -10.27
C VAL B 143 -21.44 13.60 -9.54
N LYS B 144 -21.75 12.85 -8.49
CA LYS B 144 -20.72 12.09 -7.81
C LYS B 144 -20.14 11.09 -8.78
N VAL B 145 -18.81 11.07 -8.86
CA VAL B 145 -18.07 10.09 -9.68
C VAL B 145 -17.40 9.10 -8.75
N VAL B 146 -17.59 7.83 -9.06
CA VAL B 146 -16.78 6.78 -8.47
C VAL B 146 -15.82 6.31 -9.56
N TYR B 147 -14.53 6.61 -9.43
CA TYR B 147 -13.55 6.16 -10.44
C TYR B 147 -12.69 4.97 -9.95
N VAL B 148 -12.47 4.02 -10.82
CA VAL B 148 -11.61 2.86 -10.52
C VAL B 148 -10.44 2.85 -11.48
N ALA B 149 -9.24 2.78 -10.89
CA ALA B 149 -8.00 2.68 -11.60
C ALA B 149 -7.39 1.29 -11.31
N ARG B 150 -6.60 0.79 -12.27
CA ARG B 150 -5.94 -0.49 -12.15
C ARG B 150 -4.58 -0.39 -12.79
N ASN B 151 -3.61 -1.12 -12.30
CA ASN B 151 -2.25 -0.97 -12.82
C ASN B 151 -2.25 -1.27 -14.31
N ALA B 152 -1.42 -0.55 -15.06
CA ALA B 152 -1.48 -0.64 -16.51
C ALA B 152 -1.09 -2.03 -17.12
N LYS B 153 -0.33 -2.81 -16.39
CA LYS B 153 0.08 -4.10 -16.90
C LYS B 153 -1.09 -5.07 -16.93
N ASP B 154 -1.77 -5.15 -15.80
CA ASP B 154 -2.95 -5.97 -15.72
C ASP B 154 -4.06 -5.46 -16.62
N VAL B 155 -4.19 -4.15 -16.75
CA VAL B 155 -5.12 -3.57 -17.70
C VAL B 155 -4.83 -4.03 -19.15
N ALA B 156 -3.63 -3.82 -19.65
CA ALA B 156 -3.26 -4.24 -21.00
C ALA B 156 -3.56 -5.72 -21.28
N VAL B 157 -3.20 -6.60 -20.35
CA VAL B 157 -3.45 -8.00 -20.54
C VAL B 157 -4.96 -8.23 -20.62
N SER B 158 -5.70 -7.69 -19.64
CA SER B 158 -7.15 -7.84 -19.65
C SER B 158 -7.74 -7.34 -20.96
N TYR B 159 -7.20 -6.22 -21.46
CA TYR B 159 -7.77 -5.56 -22.63
C TYR B 159 -7.47 -6.38 -23.89
N TYR B 160 -6.24 -6.88 -23.95
CA TYR B 160 -5.83 -7.74 -25.01
C TYR B 160 -6.82 -8.90 -25.15
N HIS B 161 -7.07 -9.65 -24.07
CA HIS B 161 -8.06 -10.74 -24.16
C HIS B 161 -9.47 -10.26 -24.50
N PHE B 162 -9.87 -9.12 -23.94
CA PHE B 162 -11.22 -8.58 -24.22
C PHE B 162 -11.44 -8.23 -25.68
N TYR B 163 -10.37 -7.75 -26.33
CA TYR B 163 -10.39 -7.37 -27.72
C TYR B 163 -10.75 -8.60 -28.58
N HIS B 164 -10.32 -9.77 -28.12
CA HIS B 164 -10.59 -11.01 -28.86
C HIS B 164 -12.03 -11.41 -28.74
N MET B 165 -12.55 -11.42 -27.52
CA MET B 165 -13.92 -11.98 -27.27
C MET B 165 -15.01 -11.00 -27.62
N ALA B 166 -14.75 -9.70 -27.44
CA ALA B 166 -15.69 -8.65 -27.79
C ALA B 166 -15.40 -8.17 -29.21
N LYS B 167 -16.19 -8.73 -30.13
CA LYS B 167 -15.92 -8.70 -31.56
C LYS B 167 -16.07 -7.35 -32.26
N VAL B 168 -16.61 -6.32 -31.60
CA VAL B 168 -16.68 -4.98 -32.26
C VAL B 168 -15.36 -4.22 -32.29
N HIS B 169 -14.40 -4.61 -31.45
CA HIS B 169 -13.03 -4.06 -31.45
C HIS B 169 -12.26 -4.44 -32.70
N PRO B 170 -11.32 -3.61 -33.13
CA PRO B 170 -10.45 -4.00 -34.28
C PRO B 170 -9.78 -5.33 -33.98
N GLU B 171 -9.10 -5.95 -34.97
CA GLU B 171 -8.24 -7.13 -34.73
C GLU B 171 -7.10 -6.67 -33.82
N PRO B 172 -6.91 -7.29 -32.65
CA PRO B 172 -5.84 -6.90 -31.71
C PRO B 172 -4.43 -7.29 -32.11
N GLY B 173 -4.30 -8.24 -33.03
CA GLY B 173 -2.99 -8.66 -33.53
C GLY B 173 -2.22 -9.50 -32.52
N THR B 174 -0.91 -9.53 -32.66
CA THR B 174 -0.11 -10.23 -31.65
C THR B 174 -0.11 -9.48 -30.32
N TRP B 175 0.08 -10.22 -29.25
CA TRP B 175 0.20 -9.56 -27.96
C TRP B 175 1.24 -8.45 -28.02
N ASP B 176 2.37 -8.72 -28.65
CA ASP B 176 3.46 -7.75 -28.66
C ASP B 176 3.05 -6.50 -29.40
N SER B 177 2.39 -6.67 -30.52
CA SER B 177 1.97 -5.51 -31.24
C SER B 177 0.80 -4.82 -30.49
N PHE B 178 -0.10 -5.55 -29.86
CA PHE B 178 -1.09 -4.90 -28.98
C PHE B 178 -0.49 -4.09 -27.81
N LEU B 179 0.58 -4.58 -27.19
CA LEU B 179 1.19 -3.81 -26.11
C LEU B 179 1.84 -2.53 -26.63
N GLU B 180 2.35 -2.55 -27.86
CA GLU B 180 2.96 -1.35 -28.46
C GLU B 180 1.86 -0.35 -28.72
N LYS B 181 0.76 -0.81 -29.31
CA LYS B 181 -0.41 0.00 -29.55
C LYS B 181 -0.95 0.60 -28.25
N PHE B 182 -1.08 -0.23 -27.23
CA PHE B 182 -1.49 0.26 -25.89
C PHE B 182 -0.56 1.35 -25.36
N MET B 183 0.72 1.23 -25.63
CA MET B 183 1.67 2.21 -25.08
C MET B 183 1.57 3.60 -25.74
N VAL B 184 1.12 3.68 -26.99
CA VAL B 184 0.89 4.98 -27.64
C VAL B 184 -0.58 5.36 -27.62
N GLY B 185 -1.39 4.66 -26.85
CA GLY B 185 -2.83 4.93 -26.80
C GLY B 185 -3.62 4.66 -28.09
N GLU B 186 -3.12 3.77 -28.95
CA GLU B 186 -3.80 3.51 -30.23
C GLU B 186 -4.73 2.31 -30.05
N VAL B 187 -5.59 2.41 -29.02
CA VAL B 187 -6.56 1.38 -28.71
C VAL B 187 -7.84 2.08 -28.34
N SER B 188 -8.97 1.37 -28.44
CA SER B 188 -10.26 1.90 -28.01
C SER B 188 -10.16 2.70 -26.70
N TYR B 189 -10.64 3.93 -26.71
CA TYR B 189 -10.53 4.91 -25.58
C TYR B 189 -9.17 5.59 -25.34
N GLY B 190 -8.16 5.25 -26.12
CA GLY B 190 -6.91 6.03 -26.10
C GLY B 190 -6.04 5.71 -24.92
N SER B 191 -5.30 6.69 -24.46
CA SER B 191 -4.21 6.39 -23.51
C SER B 191 -4.69 6.18 -22.09
N TRP B 192 -4.41 4.98 -21.59
CA TRP B 192 -4.51 4.65 -20.13
C TRP B 192 -3.78 5.68 -19.31
N TYR B 193 -2.61 6.08 -19.75
CA TYR B 193 -1.76 7.02 -18.98
C TYR B 193 -2.44 8.37 -18.80
N GLN B 194 -3.07 8.87 -19.85
CA GLN B 194 -3.74 10.18 -19.81
C GLN B 194 -5.05 10.03 -18.99
N HIS B 195 -5.80 8.94 -19.24
CA HIS B 195 -7.07 8.70 -18.57
C HIS B 195 -6.87 8.68 -17.06
N VAL B 196 -5.91 7.93 -16.54
CA VAL B 196 -5.87 7.76 -15.08
C VAL B 196 -5.45 9.06 -14.39
N GLN B 197 -4.63 9.85 -15.08
CA GLN B 197 -4.16 11.13 -14.56
C GLN B 197 -5.18 12.24 -14.64
N GLU B 198 -5.92 12.32 -15.76
CA GLU B 198 -6.87 13.43 -15.99
C GLU B 198 -8.03 13.36 -14.98
N TRP B 199 -8.45 12.14 -14.68
CA TRP B 199 -9.47 11.91 -13.69
C TRP B 199 -8.94 12.06 -12.25
N TRP B 200 -7.63 11.90 -12.07
CA TRP B 200 -7.04 12.12 -10.78
C TRP B 200 -6.97 13.63 -10.51
N GLU B 201 -6.66 14.42 -11.55
CA GLU B 201 -6.69 15.88 -11.44
CA GLU B 201 -6.69 15.90 -11.45
C GLU B 201 -8.10 16.46 -11.22
N LEU B 202 -9.13 15.83 -11.82
CA LEU B 202 -10.54 16.25 -11.67
C LEU B 202 -11.00 16.15 -10.22
N SER B 203 -10.52 15.14 -9.50
CA SER B 203 -10.89 14.87 -8.11
C SER B 203 -10.57 16.01 -7.18
N ARG B 204 -9.84 17.02 -7.66
CA ARG B 204 -9.61 18.25 -6.90
C ARG B 204 -10.71 19.28 -7.14
N THR B 205 -11.37 19.21 -8.29
CA THR B 205 -12.32 20.25 -8.72
C THR B 205 -13.80 19.70 -8.72
N HIS B 206 -13.94 18.42 -8.38
CA HIS B 206 -15.20 17.75 -8.54
C HIS B 206 -15.21 16.55 -7.63
N PRO B 207 -16.40 16.13 -7.18
CA PRO B 207 -16.47 15.09 -6.17
C PRO B 207 -16.20 13.67 -6.75
N VAL B 208 -15.02 13.16 -6.42
CA VAL B 208 -14.56 11.93 -6.98
C VAL B 208 -14.02 11.03 -5.88
N LEU B 209 -14.59 9.84 -5.75
CA LEU B 209 -13.98 8.76 -4.99
C LEU B 209 -13.17 7.95 -6.01
N TYR B 210 -11.86 7.99 -5.84
CA TYR B 210 -10.91 7.38 -6.70
C TYR B 210 -10.39 6.09 -6.04
N LEU B 211 -10.82 4.96 -6.55
CA LEU B 211 -10.49 3.66 -6.02
C LEU B 211 -9.50 2.94 -6.92
N PHE B 212 -8.91 1.88 -6.37
CA PHE B 212 -7.92 1.06 -7.05
C PHE B 212 -8.38 -0.37 -7.02
N TYR B 213 -8.26 -1.03 -8.16
CA TYR B 213 -8.66 -2.40 -8.27
C TYR B 213 -7.89 -3.22 -7.24
N GLU B 214 -6.60 -2.97 -7.18
CA GLU B 214 -5.75 -3.71 -6.27
C GLU B 214 -6.19 -3.55 -4.79
N ASP B 215 -6.69 -2.38 -4.44
CA ASP B 215 -7.25 -2.15 -3.11
C ASP B 215 -8.51 -2.96 -2.85
N MET B 216 -9.38 -3.04 -3.86
CA MET B 216 -10.60 -3.81 -3.74
C MET B 216 -10.26 -5.31 -3.59
N LYS B 217 -9.16 -5.69 -4.24
CA LYS B 217 -8.66 -7.08 -4.18
C LYS B 217 -8.16 -7.50 -2.81
N GLU B 218 -7.32 -6.62 -2.26
CA GLU B 218 -6.70 -6.86 -0.99
C GLU B 218 -7.77 -7.03 0.06
N ASN B 219 -8.71 -6.06 0.08
CA ASN B 219 -9.70 -5.92 1.11
C ASN B 219 -11.00 -5.26 0.65
N PRO B 220 -11.87 -6.07 0.05
CA PRO B 220 -13.09 -5.56 -0.53
C PRO B 220 -13.99 -4.85 0.51
N LYS B 221 -14.10 -5.42 1.71
CA LYS B 221 -14.97 -4.85 2.73
C LYS B 221 -14.58 -3.39 3.01
N ARG B 222 -13.28 -3.14 3.22
CA ARG B 222 -12.80 -1.76 3.45
C ARG B 222 -13.23 -0.89 2.25
N GLU B 223 -12.89 -1.28 1.04
CA GLU B 223 -13.29 -0.47 -0.11
C GLU B 223 -14.78 -0.26 -0.20
N ILE B 224 -15.56 -1.28 0.17
CA ILE B 224 -17.02 -1.15 0.12
C ILE B 224 -17.50 -0.16 1.18
N GLN B 225 -16.86 -0.13 2.33
CA GLN B 225 -17.21 0.82 3.42
CA GLN B 225 -17.31 0.83 3.36
C GLN B 225 -16.97 2.25 2.96
N LYS B 226 -15.97 2.44 2.11
CA LYS B 226 -15.70 3.77 1.57
C LYS B 226 -16.72 4.14 0.50
N ILE B 227 -17.09 3.21 -0.35
CA ILE B 227 -18.12 3.52 -1.32
C ILE B 227 -19.32 4.08 -0.54
N LEU B 228 -19.73 3.38 0.52
CA LEU B 228 -20.86 3.77 1.37
C LEU B 228 -20.72 5.14 2.04
N GLU B 229 -19.55 5.48 2.59
CA GLU B 229 -19.34 6.83 3.14
C GLU B 229 -19.60 7.86 2.02
N PHE B 230 -19.11 7.55 0.82
CA PHE B 230 -19.16 8.50 -0.29
C PHE B 230 -20.57 8.77 -0.78
N VAL B 231 -21.32 7.71 -0.95
CA VAL B 231 -22.66 7.83 -1.50
C VAL B 231 -23.61 8.19 -0.39
N GLY B 232 -23.15 8.05 0.85
CA GLY B 232 -23.90 8.52 2.04
C GLY B 232 -24.98 7.60 2.59
N HIS B 233 -24.76 6.29 2.49
CA HIS B 233 -25.56 5.25 3.18
C HIS B 233 -24.83 4.84 4.47
N SER B 234 -25.60 4.38 5.46
CA SER B 234 -25.06 3.51 6.49
C SER B 234 -25.82 2.20 6.26
N LEU B 235 -25.13 1.07 6.32
CA LEU B 235 -25.79 -0.25 6.31
C LEU B 235 -25.13 -1.10 7.38
N PRO B 236 -25.87 -2.08 7.93
CA PRO B 236 -25.27 -2.92 8.98
C PRO B 236 -24.28 -3.98 8.45
N GLU B 237 -23.37 -4.43 9.32
CA GLU B 237 -22.37 -5.39 8.94
C GLU B 237 -22.96 -6.69 8.38
N GLU B 238 -23.98 -7.26 9.02
CA GLU B 238 -24.64 -8.47 8.45
C GLU B 238 -24.85 -8.32 6.93
N THR B 239 -25.01 -7.07 6.46
CA THR B 239 -25.33 -6.82 5.07
C THR B 239 -24.09 -6.33 4.23
N VAL B 240 -23.15 -5.60 4.80
CA VAL B 240 -21.87 -5.36 4.13
C VAL B 240 -21.25 -6.74 3.78
N ASP B 241 -20.80 -7.48 4.80
CA ASP B 241 -20.32 -8.85 4.60
C ASP B 241 -21.12 -9.58 3.50
N PHE B 242 -22.44 -9.43 3.48
CA PHE B 242 -23.29 -10.03 2.43
C PHE B 242 -22.89 -9.53 1.04
N MET B 243 -22.52 -8.26 0.96
CA MET B 243 -22.14 -7.64 -0.29
C MET B 243 -20.74 -8.04 -0.69
N VAL B 244 -19.82 -8.05 0.29
CA VAL B 244 -18.45 -8.52 0.09
C VAL B 244 -18.45 -9.84 -0.66
N GLN B 245 -19.41 -10.68 -0.29
CA GLN B 245 -19.35 -12.06 -0.65
C GLN B 245 -20.01 -12.28 -1.96
N HIS B 246 -21.05 -11.50 -2.25
CA HIS B 246 -21.75 -11.59 -3.56
C HIS B 246 -21.18 -10.71 -4.66
N THR B 247 -20.11 -9.98 -4.32
CA THR B 247 -19.31 -9.22 -5.30
C THR B 247 -17.91 -9.83 -5.52
N SER B 248 -17.65 -11.01 -4.95
CA SER B 248 -16.40 -11.71 -5.24
C SER B 248 -16.37 -12.07 -6.71
N PHE B 249 -15.15 -12.29 -7.21
CA PHE B 249 -14.98 -12.82 -8.54
C PHE B 249 -15.76 -14.11 -8.80
N LYS B 250 -15.66 -15.02 -7.84
CA LYS B 250 -16.20 -16.36 -7.95
C LYS B 250 -17.71 -16.27 -8.20
N GLU B 251 -18.39 -15.34 -7.53
CA GLU B 251 -19.83 -15.18 -7.64
C GLU B 251 -20.24 -14.35 -8.84
N MET B 252 -19.47 -13.34 -9.21
CA MET B 252 -19.87 -12.51 -10.35
C MET B 252 -19.69 -13.28 -11.66
N LYS B 253 -18.75 -14.22 -11.64
CA LYS B 253 -18.56 -15.17 -12.73
C LYS B 253 -19.76 -16.12 -12.83
N LYS B 254 -20.22 -16.60 -11.68
CA LYS B 254 -21.38 -17.50 -11.61
C LYS B 254 -22.65 -16.78 -12.08
N ASN B 255 -22.73 -15.48 -11.81
CA ASN B 255 -23.99 -14.72 -11.88
C ASN B 255 -24.22 -14.19 -13.29
N PRO B 256 -25.27 -14.69 -13.99
CA PRO B 256 -25.49 -14.33 -15.41
C PRO B 256 -25.93 -12.90 -15.58
N MET B 257 -26.37 -12.32 -14.50
CA MET B 257 -26.68 -10.91 -14.49
C MET B 257 -25.42 -10.01 -14.40
N THR B 258 -24.24 -10.60 -14.28
CA THR B 258 -23.02 -9.84 -14.16
C THR B 258 -21.95 -10.38 -15.08
N ASN B 259 -22.06 -11.61 -15.59
CA ASN B 259 -20.94 -12.25 -16.31
C ASN B 259 -20.96 -12.03 -17.79
N TYR B 260 -21.92 -11.26 -18.31
CA TYR B 260 -22.09 -11.02 -19.74
C TYR B 260 -22.37 -12.27 -20.64
N THR B 261 -22.75 -13.38 -20.05
CA THR B 261 -23.09 -14.56 -20.87
C THR B 261 -24.45 -14.49 -21.58
N THR B 262 -25.31 -13.57 -21.14
CA THR B 262 -26.68 -13.37 -21.69
C THR B 262 -26.67 -12.82 -23.10
N VAL B 263 -25.56 -12.18 -23.42
CA VAL B 263 -25.40 -11.37 -24.61
C VAL B 263 -25.22 -12.25 -25.84
N PRO B 264 -25.50 -11.71 -27.02
CA PRO B 264 -25.29 -12.47 -28.26
C PRO B 264 -23.84 -12.93 -28.53
N GLN B 265 -23.70 -14.18 -29.01
CA GLN B 265 -22.38 -14.80 -29.29
C GLN B 265 -21.54 -13.93 -30.21
N GLU B 266 -22.20 -13.26 -31.14
CA GLU B 266 -21.52 -12.51 -32.20
C GLU B 266 -21.06 -11.12 -31.72
N PHE B 267 -21.59 -10.67 -30.59
CA PHE B 267 -21.13 -9.47 -29.90
C PHE B 267 -20.06 -9.84 -28.87
N MET B 268 -20.28 -10.89 -28.11
CA MET B 268 -19.27 -11.36 -27.17
C MET B 268 -19.22 -12.89 -27.17
N ASP B 269 -18.09 -13.43 -27.59
CA ASP B 269 -17.83 -14.86 -27.57
C ASP B 269 -16.96 -15.27 -26.39
N HIS B 270 -17.62 -15.77 -25.35
CA HIS B 270 -16.96 -16.21 -24.11
C HIS B 270 -16.13 -17.46 -24.25
N SER B 271 -16.34 -18.23 -25.32
CA SER B 271 -15.46 -19.40 -25.59
C SER B 271 -14.06 -18.97 -26.05
N ILE B 272 -13.96 -17.79 -26.65
CA ILE B 272 -12.66 -17.17 -26.95
C ILE B 272 -12.04 -16.68 -25.64
N SER B 273 -12.75 -15.83 -24.95
CA SER B 273 -12.30 -15.40 -23.63
C SER B 273 -13.45 -14.92 -22.75
N PRO B 274 -13.66 -15.55 -21.59
CA PRO B 274 -14.73 -15.07 -20.75
C PRO B 274 -14.53 -13.62 -20.24
N PHE B 275 -15.62 -12.90 -20.13
CA PHE B 275 -15.59 -11.59 -19.60
C PHE B 275 -14.93 -11.63 -18.20
N MET B 276 -15.47 -12.49 -17.33
CA MET B 276 -14.91 -12.72 -16.03
C MET B 276 -13.80 -13.74 -16.22
N ARG B 277 -12.57 -13.23 -16.37
CA ARG B 277 -11.49 -14.03 -16.93
C ARG B 277 -10.71 -14.72 -15.83
N LYS B 278 -9.95 -13.97 -15.03
CA LYS B 278 -9.22 -14.51 -13.86
C LYS B 278 -9.41 -13.63 -12.59
N GLY B 279 -9.65 -12.36 -12.78
CA GLY B 279 -9.87 -11.50 -11.66
C GLY B 279 -8.74 -11.38 -10.67
N MET B 280 -7.47 -11.42 -11.09
CA MET B 280 -6.35 -11.37 -10.14
CA MET B 280 -6.38 -11.32 -10.11
C MET B 280 -5.52 -10.08 -10.30
N ALA B 281 -4.75 -9.75 -9.26
CA ALA B 281 -3.78 -8.69 -9.38
C ALA B 281 -2.45 -9.40 -9.43
N GLY B 282 -1.59 -9.00 -10.38
CA GLY B 282 -0.25 -9.58 -10.60
C GLY B 282 -0.12 -10.68 -11.65
N ASP B 283 -1.21 -11.06 -12.32
CA ASP B 283 -1.23 -12.12 -13.33
C ASP B 283 -0.61 -11.70 -14.67
N TRP B 284 -0.32 -10.43 -14.80
CA TRP B 284 0.32 -9.95 -16.01
C TRP B 284 1.66 -10.63 -16.20
N LYS B 285 2.26 -11.08 -15.13
CA LYS B 285 3.58 -11.65 -15.22
C LYS B 285 3.62 -12.94 -16.06
N THR B 286 2.49 -13.59 -16.23
CA THR B 286 2.42 -14.81 -17.02
C THR B 286 2.12 -14.48 -18.46
N THR B 287 2.07 -13.20 -18.79
CA THR B 287 1.95 -12.78 -20.22
C THR B 287 3.14 -11.91 -20.71
N PHE B 288 3.57 -10.95 -19.89
CA PHE B 288 4.66 -10.06 -20.26
C PHE B 288 5.97 -10.81 -20.30
N THR B 289 6.76 -10.62 -21.37
CA THR B 289 8.10 -11.18 -21.47
C THR B 289 9.05 -10.27 -20.74
N VAL B 290 10.20 -10.79 -20.36
CA VAL B 290 11.18 -10.00 -19.63
C VAL B 290 11.51 -8.75 -20.45
N ALA B 291 11.71 -8.90 -21.76
CA ALA B 291 12.02 -7.76 -22.62
C ALA B 291 10.83 -6.77 -22.67
N GLN B 292 9.62 -7.26 -22.85
CA GLN B 292 8.46 -6.36 -22.83
C GLN B 292 8.38 -5.58 -21.52
N ASN B 293 8.67 -6.26 -20.44
CA ASN B 293 8.59 -5.64 -19.14
C ASN B 293 9.60 -4.48 -18.96
N GLU B 294 10.85 -4.70 -19.39
CA GLU B 294 11.90 -3.69 -19.22
C GLU B 294 11.55 -2.44 -20.01
N ARG B 295 11.04 -2.65 -21.21
CA ARG B 295 10.68 -1.57 -22.10
C ARG B 295 9.40 -0.86 -21.56
N PHE B 296 8.40 -1.61 -21.11
CA PHE B 296 7.19 -0.99 -20.54
C PHE B 296 7.52 -0.17 -19.32
N ASP B 297 8.38 -0.70 -18.45
CA ASP B 297 8.77 -0.02 -17.18
C ASP B 297 9.47 1.31 -17.40
N ALA B 298 10.38 1.33 -18.37
CA ALA B 298 11.08 2.55 -18.71
C ALA B 298 10.11 3.52 -19.35
N ASP B 299 9.28 3.04 -20.28
CA ASP B 299 8.32 3.95 -20.91
C ASP B 299 7.36 4.51 -19.87
N TYR B 300 7.11 3.73 -18.81
CA TYR B 300 6.11 4.07 -17.83
C TYR B 300 6.65 5.16 -16.88
N ALA B 301 7.90 5.01 -16.48
CA ALA B 301 8.53 6.05 -15.66
C ALA B 301 8.50 7.41 -16.39
N GLU B 302 8.76 7.47 -17.69
CA GLU B 302 8.61 8.78 -18.37
C GLU B 302 7.17 9.27 -18.56
N LYS B 303 6.19 8.38 -18.61
CA LYS B 303 4.80 8.81 -18.83
C LYS B 303 4.17 9.26 -17.54
N MET B 304 4.61 8.68 -16.42
CA MET B 304 4.00 8.90 -15.12
C MET B 304 4.82 9.82 -14.23
N ALA B 305 5.78 10.53 -14.81
CA ALA B 305 6.78 11.27 -14.01
C ALA B 305 6.21 12.42 -13.14
N GLY B 306 5.37 13.27 -13.71
CA GLY B 306 4.81 14.38 -12.93
C GLY B 306 3.59 14.00 -12.08
N CYS B 307 3.27 12.71 -12.01
CA CYS B 307 2.04 12.27 -11.37
C CYS B 307 2.31 11.59 -10.02
N SER B 308 1.41 11.81 -9.07
CA SER B 308 1.58 11.33 -7.70
C SER B 308 0.84 10.02 -7.40
N LEU B 309 -0.09 9.64 -8.27
CA LEU B 309 -0.62 8.28 -8.27
C LEU B 309 0.49 7.23 -8.03
N SER B 310 0.21 6.24 -7.19
CA SER B 310 1.09 5.07 -7.14
C SER B 310 0.29 3.78 -7.22
N PHE B 311 0.65 2.99 -8.22
CA PHE B 311 0.02 1.71 -8.50
C PHE B 311 0.81 0.56 -7.91
N ARG B 312 0.07 -0.45 -7.44
CA ARG B 312 0.68 -1.74 -7.20
C ARG B 312 0.48 -2.67 -8.42
N SER B 313 1.57 -3.32 -8.82
CA SER B 313 1.55 -4.42 -9.80
C SER B 313 1.00 -5.78 -9.26
N GLU B 314 0.94 -5.94 -7.94
CA GLU B 314 0.65 -7.24 -7.27
C GLU B 314 0.53 -7.04 -5.75
N LEU B 315 -0.08 -8.00 -5.04
CA LEU B 315 -0.30 -7.91 -3.58
C LEU B 315 0.68 -8.73 -2.72
P1 A3P C . 16.00 -9.51 22.68
O1P A3P C . 17.17 -10.45 22.68
O2P A3P C . 14.78 -10.20 22.14
O3P A3P C . 15.89 -8.58 23.86
P2 A3P C . 16.66 -2.76 19.10
O4P A3P C . 16.60 -2.19 20.48
O5P A3P C . 18.09 -2.80 18.54
O6P A3P C . 15.60 -2.43 18.11
O5' A3P C . 16.34 -4.35 19.23
C5' A3P C . 17.06 -5.15 20.18
C4' A3P C . 16.67 -6.61 20.05
O4' A3P C . 17.24 -7.11 18.84
C3' A3P C . 17.15 -7.46 21.22
O3' A3P C . 16.35 -8.63 21.34
C2' A3P C . 18.49 -7.85 20.74
O2' A3P C . 18.96 -9.01 21.43
C1' A3P C . 18.15 -8.12 19.29
N9 A3P C . 19.37 -8.19 18.47
C8 A3P C . 20.42 -7.36 18.46
N7 A3P C . 21.31 -7.83 17.56
C5 A3P C . 20.76 -8.96 17.03
C6 A3P C . 21.20 -9.86 16.10
N6 A3P C . 22.38 -9.67 15.52
N1 A3P C . 20.43 -10.91 15.75
C2 A3P C . 19.23 -11.10 16.37
N3 A3P C . 18.76 -10.23 17.30
C4 A3P C . 19.53 -9.18 17.61
C1 03V D . 18.12 2.87 21.72
O1 03V D . 16.33 2.55 20.32
C2 03V D . 16.78 2.99 21.52
C3 03V D . 15.94 3.50 22.49
C4 03V D . 16.53 3.94 23.68
C5 03V D . 18.00 3.84 23.87
C7 03V D . 18.74 3.29 22.89
C8 03V D . 18.60 4.26 25.03
C9 03V D . 17.83 4.80 26.05
C10 03V D . 16.45 4.90 25.87
C11 03V D . 15.80 4.48 24.70
P1 A3P E . -9.33 -9.89 -16.05
O1P A3P E . -9.86 -11.11 -15.33
O2P A3P E . -8.03 -9.33 -15.45
O3P A3P E . -9.36 -9.92 -17.53
P2 A3P E . -14.33 -4.13 -16.68
O4P A3P E . -14.29 -4.42 -18.16
O5P A3P E . -15.60 -4.58 -15.94
O6P A3P E . -13.68 -2.81 -16.29
O5' A3P E . -13.21 -5.05 -15.94
C5' A3P E . -13.05 -6.41 -16.31
C4' A3P E . -11.98 -7.03 -15.43
O4' A3P E . -12.53 -7.07 -14.11
C3' A3P E . -11.66 -8.49 -15.82
O3' A3P E . -10.34 -8.78 -15.44
C2' A3P E . -12.62 -9.23 -14.95
O2' A3P E . -12.19 -10.59 -14.83
C1' A3P E . -12.50 -8.42 -13.67
N9 A3P E . -13.55 -8.62 -12.66
C8 A3P E . -14.88 -8.64 -12.83
N7 A3P E . -15.44 -8.82 -11.61
C5 A3P E . -14.44 -8.91 -10.68
C6 A3P E . -14.41 -9.13 -9.30
N6 A3P E . -15.52 -9.28 -8.57
N1 A3P E . -13.24 -9.22 -8.67
C2 A3P E . -12.09 -9.08 -9.38
N3 A3P E . -12.09 -8.86 -10.70
C4 A3P E . -13.27 -8.81 -11.37
C1 03V F . -18.13 -2.87 -21.42
O1 03V F . -16.61 -1.33 -20.57
C2 03V F . -17.10 -1.98 -21.61
C3 03V F . -16.53 -1.75 -22.83
C4 03V F . -17.05 -2.42 -23.91
C5 03V F . -18.18 -3.36 -23.75
C7 03V F . -18.68 -3.57 -22.49
C8 03V F . -18.69 -4.04 -24.84
C9 03V F . -18.13 -3.82 -26.08
C10 03V F . -17.07 -2.92 -26.21
C11 03V F . -16.51 -2.22 -25.14
#